data_7Y8I
#
_entry.id   7Y8I
#
_cell.length_a   69.113
_cell.length_b   85.776
_cell.length_c   106.238
_cell.angle_alpha   90.000
_cell.angle_beta   90.000
_cell.angle_gamma   90.000
#
_symmetry.space_group_name_H-M   'P 21 21 21'
#
loop_
_entity.id
_entity.type
_entity.pdbx_description
1 polymer Dscam
2 non-polymer 'PHOSPHATE ION'
3 non-polymer 'ISOPROPYL ALCOHOL'
4 non-polymer 'CHLORIDE ION'
5 non-polymer DI(HYDROXYETHYL)ETHER
6 water water
#
_entity_poly.entity_id   1
_entity_poly.type   'polypeptide(L)'
_entity_poly.pdbx_seq_one_letter_code
;GASPPLPSISISHVTSSSVQLNWENSQAVPASTIKQYLLEFRGDNKDWIKLHIPNNRKSFVLNGLDSSRRYQLRLAAYNR
YGRGDFAVIGFTTAHKE
;
_entity_poly.pdbx_strand_id   A,B,C,D,E,F
#
loop_
_chem_comp.id
_chem_comp.type
_chem_comp.name
_chem_comp.formula
CL non-polymer 'CHLORIDE ION' 'Cl -1'
IPA non-polymer 'ISOPROPYL ALCOHOL' 'C3 H8 O'
PEG non-polymer DI(HYDROXYETHYL)ETHER 'C4 H10 O3'
PO4 non-polymer 'PHOSPHATE ION' 'O4 P -3'
#
# COMPACT_ATOMS: atom_id res chain seq x y z
N PRO A 4 28.71 17.58 16.54
CA PRO A 4 28.64 16.26 15.87
C PRO A 4 27.21 15.73 15.84
N PRO A 5 26.63 15.51 14.64
CA PRO A 5 25.19 15.29 14.57
C PRO A 5 24.77 13.82 14.58
N LEU A 6 23.45 13.59 14.53
CA LEU A 6 22.85 12.27 14.61
C LEU A 6 22.53 11.78 13.20
N PRO A 7 23.25 10.81 12.65
CA PRO A 7 22.94 10.34 11.30
C PRO A 7 21.49 9.86 11.20
N SER A 8 20.91 10.08 10.02
CA SER A 8 19.60 9.52 9.68
C SER A 8 19.87 8.27 8.86
N ILE A 9 19.57 7.11 9.43
CA ILE A 9 19.93 5.84 8.81
C ILE A 9 18.66 5.14 8.34
N SER A 10 18.83 4.35 7.28
CA SER A 10 17.72 3.65 6.63
C SER A 10 18.19 2.26 6.21
N ILE A 11 17.32 1.27 6.43
CA ILE A 11 17.64 -0.13 6.18
C ILE A 11 16.86 -0.63 4.97
N SER A 12 17.50 -1.49 4.20
CA SER A 12 16.89 -2.07 3.02
C SER A 12 17.59 -3.39 2.72
N HIS A 13 17.13 -4.08 1.67
CA HIS A 13 17.70 -5.33 1.22
C HIS A 13 17.90 -6.31 2.37
N VAL A 14 16.82 -6.61 3.09
CA VAL A 14 16.91 -7.49 4.24
C VAL A 14 16.74 -8.92 3.72
N THR A 15 17.84 -9.67 3.68
CA THR A 15 17.88 -11.05 3.20
C THR A 15 18.07 -12.00 4.39
N SER A 16 18.24 -13.29 4.09
CA SER A 16 18.43 -14.29 5.12
C SER A 16 19.85 -14.24 5.70
N SER A 17 20.74 -13.43 5.11
CA SER A 17 22.11 -13.36 5.62
C SER A 17 22.73 -11.96 5.51
N SER A 18 21.96 -10.92 5.20
CA SER A 18 22.56 -9.60 5.02
C SER A 18 21.48 -8.52 5.10
N VAL A 19 21.95 -7.29 5.37
CA VAL A 19 21.14 -6.09 5.29
C VAL A 19 22.00 -4.97 4.72
N GLN A 20 21.34 -3.96 4.19
CA GLN A 20 22.00 -2.77 3.68
C GLN A 20 21.56 -1.57 4.50
N LEU A 21 22.52 -0.76 4.90
CA LEU A 21 22.28 0.48 5.61
C LEU A 21 22.63 1.62 4.67
N ASN A 22 21.79 2.66 4.70
CA ASN A 22 22.03 3.92 3.99
C ASN A 22 21.90 5.07 4.98
N TRP A 23 22.62 6.15 4.75
CA TRP A 23 22.54 7.27 5.67
C TRP A 23 22.97 8.56 4.97
N GLU A 24 22.71 9.67 5.65
CA GLU A 24 23.22 10.98 5.27
C GLU A 24 23.51 11.77 6.54
N GLN A 36 34.46 10.56 9.01
CA GLN A 36 34.68 9.30 9.70
C GLN A 36 33.37 8.87 10.37
N TYR A 37 33.21 7.56 10.55
CA TYR A 37 32.06 7.02 11.23
C TYR A 37 32.49 5.88 12.15
N LEU A 38 31.59 5.52 13.06
CA LEU A 38 31.72 4.32 13.88
C LEU A 38 30.44 3.53 13.64
N LEU A 39 30.60 2.33 13.12
CA LEU A 39 29.50 1.40 12.87
C LEU A 39 29.71 0.19 13.75
N GLU A 40 28.65 -0.23 14.45
CA GLU A 40 28.71 -1.42 15.27
C GLU A 40 27.46 -2.24 15.02
N PHE A 41 27.55 -3.54 15.31
CA PHE A 41 26.40 -4.42 15.26
C PHE A 41 26.49 -5.41 16.40
N ARG A 42 25.36 -6.07 16.66
CA ARG A 42 25.32 -7.12 17.67
C ARG A 42 24.12 -8.02 17.46
N GLY A 43 24.29 -9.29 17.83
CA GLY A 43 23.15 -10.14 18.08
C GLY A 43 22.39 -9.63 19.29
N ASP A 44 21.07 -9.85 19.27
CA ASP A 44 20.21 -9.18 20.25
C ASP A 44 20.69 -9.45 21.67
N ASN A 45 20.85 -8.36 22.43
CA ASN A 45 21.18 -8.37 23.85
C ASN A 45 22.62 -8.76 24.13
N LYS A 46 23.44 -8.97 23.11
CA LYS A 46 24.84 -9.32 23.29
C LYS A 46 25.70 -8.07 23.22
N ASP A 47 27.01 -8.26 23.36
CA ASP A 47 27.94 -7.14 23.27
C ASP A 47 28.08 -6.68 21.83
N TRP A 48 28.40 -5.39 21.69
CA TRP A 48 28.54 -4.76 20.39
C TRP A 48 29.88 -5.10 19.76
N ILE A 49 29.88 -5.23 18.44
CA ILE A 49 31.06 -5.50 17.64
C ILE A 49 31.30 -4.32 16.70
N LYS A 50 32.49 -3.73 16.78
CA LYS A 50 32.82 -2.58 15.95
C LYS A 50 33.20 -3.03 14.54
N LEU A 51 32.59 -2.40 13.55
CA LEU A 51 32.76 -2.81 12.16
C LEU A 51 33.66 -1.83 11.42
N HIS A 52 34.42 -2.37 10.48
CA HIS A 52 35.23 -1.54 9.60
C HIS A 52 34.34 -1.01 8.49
N ILE A 53 34.26 0.31 8.36
CA ILE A 53 33.60 0.93 7.22
C ILE A 53 34.50 2.06 6.71
N PRO A 54 34.73 2.17 5.42
CA PRO A 54 35.63 3.21 4.92
C PRO A 54 34.98 4.58 4.91
N ASN A 55 35.83 5.60 4.84
CA ASN A 55 35.35 6.96 4.77
C ASN A 55 34.74 7.24 3.39
N ASN A 56 34.00 8.36 3.31
CA ASN A 56 33.37 8.77 2.06
C ASN A 56 32.49 7.65 1.50
N ARG A 57 31.84 6.92 2.40
CA ARG A 57 30.81 5.95 2.05
C ARG A 57 29.50 6.41 2.65
N LYS A 58 28.41 6.26 1.91
CA LYS A 58 27.08 6.62 2.39
C LYS A 58 26.18 5.39 2.53
N SER A 59 26.72 4.20 2.35
CA SER A 59 25.93 2.98 2.44
C SER A 59 26.87 1.85 2.83
N PHE A 60 26.29 0.71 3.24
CA PHE A 60 27.10 -0.37 3.77
C PHE A 60 26.26 -1.63 3.78
N VAL A 61 26.81 -2.71 3.23
CA VAL A 61 26.14 -4.02 3.23
C VAL A 61 26.79 -4.86 4.32
N LEU A 62 26.01 -5.25 5.31
CA LEU A 62 26.48 -6.18 6.35
C LEU A 62 26.10 -7.58 5.90
N ASN A 63 27.11 -8.38 5.58
CA ASN A 63 26.90 -9.76 5.14
C ASN A 63 27.24 -10.72 6.28
N GLY A 64 27.03 -12.03 6.03
CA GLY A 64 27.48 -13.05 6.96
C GLY A 64 26.62 -13.28 8.17
N LEU A 65 25.36 -12.88 8.13
CA LEU A 65 24.45 -13.02 9.26
C LEU A 65 23.71 -14.34 9.22
N ASP A 66 23.24 -14.77 10.39
CA ASP A 66 22.35 -15.91 10.49
C ASP A 66 20.95 -15.53 10.04
N SER A 67 20.17 -16.54 9.63
CA SER A 67 18.81 -16.34 9.17
C SER A 67 17.84 -16.32 10.36
N SER A 68 16.70 -15.66 10.15
CA SER A 68 15.64 -15.53 11.13
C SER A 68 16.15 -15.09 12.49
N ARG A 69 17.11 -14.16 12.50
CA ARG A 69 17.74 -13.76 13.74
C ARG A 69 17.68 -12.24 13.95
N ARG A 70 17.43 -11.84 15.19
CA ARG A 70 17.37 -10.44 15.57
C ARG A 70 18.78 -9.88 15.76
N TYR A 71 19.04 -8.73 15.11
CA TYR A 71 20.28 -8.00 15.27
C TYR A 71 19.97 -6.53 15.48
N GLN A 72 20.98 -5.80 15.91
CA GLN A 72 20.95 -4.34 15.93
C GLN A 72 22.17 -3.80 15.22
N LEU A 73 21.98 -2.69 14.51
CA LEU A 73 23.07 -1.92 13.94
C LEU A 73 23.00 -0.53 14.57
N ARG A 74 24.16 0.10 14.77
CA ARG A 74 24.18 1.50 15.18
C ARG A 74 25.33 2.21 14.49
N LEU A 75 25.09 3.49 14.20
CA LEU A 75 26.04 4.33 13.48
C LEU A 75 26.11 5.68 14.16
N ALA A 76 27.33 6.18 14.34
CA ALA A 76 27.58 7.52 14.85
C ALA A 76 28.56 8.21 13.90
N ALA A 77 28.42 9.52 13.78
CA ALA A 77 29.32 10.30 12.94
C ALA A 77 30.44 10.89 13.79
N TYR A 78 31.60 11.06 13.17
CA TYR A 78 32.80 11.54 13.82
C TYR A 78 33.23 12.86 13.18
N ASN A 79 33.80 13.74 13.99
CA ASN A 79 34.63 14.83 13.49
C ASN A 79 35.82 14.97 14.44
N ARG A 80 36.64 15.99 14.23
CA ARG A 80 37.88 16.11 15.00
C ARG A 80 37.62 16.28 16.49
N TYR A 81 36.43 16.76 16.87
CA TYR A 81 36.12 16.97 18.28
C TYR A 81 35.65 15.71 18.98
N GLY A 82 35.16 14.73 18.25
CA GLY A 82 34.64 13.50 18.82
C GLY A 82 33.50 12.96 17.98
N ARG A 83 32.84 11.94 18.51
CA ARG A 83 31.67 11.38 17.87
C ARG A 83 30.38 11.88 18.52
N GLY A 84 29.31 11.87 17.73
CA GLY A 84 27.99 12.13 18.23
C GLY A 84 27.34 10.89 18.81
N ASP A 85 26.06 11.02 19.08
CA ASP A 85 25.28 9.90 19.59
C ASP A 85 25.03 8.87 18.49
N PHE A 86 24.73 7.65 18.92
CA PHE A 86 24.46 6.57 17.99
C PHE A 86 23.02 6.61 17.51
N ALA A 87 22.83 6.43 16.22
CA ALA A 87 21.52 6.10 15.65
C ALA A 87 21.44 4.58 15.53
N VAL A 88 20.36 4.00 16.03
CA VAL A 88 20.26 2.54 16.14
C VAL A 88 19.07 2.03 15.33
N ILE A 89 19.23 0.84 14.77
CA ILE A 89 18.14 0.17 14.07
C ILE A 89 18.18 -1.32 14.43
N GLY A 90 17.04 -1.84 14.89
CA GLY A 90 16.87 -3.28 15.11
C GLY A 90 16.22 -3.91 13.89
N PHE A 91 16.64 -5.14 13.58
CA PHE A 91 16.04 -5.85 12.47
C PHE A 91 16.16 -7.35 12.71
N THR A 92 15.34 -8.09 11.99
CA THR A 92 15.37 -9.54 11.95
C THR A 92 15.62 -9.96 10.51
N THR A 93 16.66 -10.76 10.32
CA THR A 93 16.96 -11.27 8.99
C THR A 93 15.85 -12.18 8.50
N ALA A 94 15.80 -12.35 7.20
CA ALA A 94 14.74 -13.15 6.58
C ALA A 94 14.98 -14.62 6.86
N HIS A 95 13.95 -15.40 6.56
CA HIS A 95 13.97 -16.84 6.80
C HIS A 95 14.76 -17.56 5.71
N LYS A 96 15.23 -18.76 6.07
CA LYS A 96 15.83 -19.72 5.15
C LYS A 96 17.24 -19.32 4.77
N SER B 3 -25.96 -4.62 13.09
CA SER B 3 -24.82 -4.09 12.34
C SER B 3 -25.21 -2.81 11.60
N PRO B 4 -24.59 -1.69 11.93
CA PRO B 4 -25.12 -0.38 11.49
C PRO B 4 -25.03 -0.22 9.99
N PRO B 5 -25.73 0.75 9.43
CA PRO B 5 -25.74 0.92 7.98
C PRO B 5 -24.53 1.71 7.50
N LEU B 6 -24.35 1.69 6.17
CA LEU B 6 -23.40 2.50 5.42
C LEU B 6 -23.40 3.93 5.95
N PRO B 7 -22.25 4.48 6.35
CA PRO B 7 -22.21 5.92 6.64
C PRO B 7 -22.33 6.72 5.36
N SER B 8 -22.81 7.95 5.49
CA SER B 8 -22.78 8.91 4.39
C SER B 8 -21.56 9.81 4.60
N ILE B 9 -20.67 9.83 3.62
CA ILE B 9 -19.38 10.50 3.76
C ILE B 9 -19.22 11.52 2.64
N SER B 10 -18.48 12.60 2.94
CA SER B 10 -18.22 13.64 1.95
C SER B 10 -16.79 14.13 2.17
N ILE B 11 -16.16 14.58 1.10
CA ILE B 11 -14.81 15.11 1.21
C ILE B 11 -14.84 16.60 0.92
N SER B 12 -13.84 17.30 1.48
CA SER B 12 -13.63 18.72 1.28
C SER B 12 -12.16 19.01 1.53
N HIS B 13 -11.76 20.25 1.24
CA HIS B 13 -10.41 20.73 1.47
C HIS B 13 -9.37 19.77 0.88
N VAL B 14 -9.55 19.45 -0.40
CA VAL B 14 -8.55 18.66 -1.11
C VAL B 14 -7.33 19.55 -1.36
N THR B 15 -6.20 19.16 -0.79
CA THR B 15 -4.96 19.87 -1.05
C THR B 15 -4.00 18.93 -1.77
N SER B 16 -2.75 19.38 -1.94
CA SER B 16 -1.70 18.57 -2.55
C SER B 16 -1.18 17.49 -1.63
N SER B 17 -1.56 17.49 -0.35
CA SER B 17 -1.09 16.47 0.57
C SER B 17 -2.13 16.06 1.60
N SER B 18 -3.40 16.46 1.43
CA SER B 18 -4.39 16.14 2.45
C SER B 18 -5.80 16.19 1.87
N VAL B 19 -6.72 15.60 2.63
CA VAL B 19 -8.15 15.70 2.38
C VAL B 19 -8.84 15.70 3.74
N GLN B 20 -10.00 16.34 3.79
CA GLN B 20 -10.85 16.32 4.98
C GLN B 20 -12.05 15.44 4.70
N LEU B 21 -12.25 14.45 5.55
CA LEU B 21 -13.40 13.56 5.50
C LEU B 21 -14.43 13.99 6.53
N ASN B 22 -15.68 14.08 6.10
CA ASN B 22 -16.83 14.37 6.96
C ASN B 22 -17.85 13.27 6.78
N TRP B 23 -18.56 12.93 7.86
CA TRP B 23 -19.49 11.83 7.74
C TRP B 23 -20.70 11.99 8.64
N GLU B 24 -21.73 11.23 8.27
CA GLU B 24 -22.95 11.04 9.02
C GLU B 24 -23.43 9.63 8.68
N ASN B 25 -24.33 9.10 9.49
CA ASN B 25 -24.89 7.78 9.19
C ASN B 25 -26.41 7.81 9.17
N GLN B 36 -18.05 3.99 17.57
CA GLN B 36 -16.77 3.55 17.03
C GLN B 36 -16.83 3.42 15.52
N TYR B 37 -15.81 3.96 14.83
CA TYR B 37 -15.68 3.88 13.39
C TYR B 37 -14.37 3.20 13.01
N LEU B 38 -14.32 2.69 11.78
CA LEU B 38 -13.09 2.14 11.21
C LEU B 38 -12.83 2.86 9.90
N LEU B 39 -11.67 3.50 9.79
CA LEU B 39 -11.27 4.24 8.60
C LEU B 39 -10.03 3.60 7.99
N GLU B 40 -10.06 3.44 6.66
CA GLU B 40 -8.93 2.89 5.93
C GLU B 40 -8.73 3.70 4.66
N PHE B 41 -7.50 3.67 4.15
CA PHE B 41 -7.19 4.31 2.88
C PHE B 41 -6.16 3.48 2.15
N ARG B 42 -6.05 3.74 0.85
CA ARG B 42 -5.11 3.04 0.00
C ARG B 42 -4.79 3.90 -1.21
N GLY B 43 -3.56 3.74 -1.71
CA GLY B 43 -3.24 4.19 -3.04
C GLY B 43 -3.79 3.24 -4.08
N ASP B 44 -3.75 3.70 -5.34
CA ASP B 44 -4.41 2.97 -6.42
C ASP B 44 -3.88 1.54 -6.51
N ASN B 45 -4.81 0.59 -6.48
CA ASN B 45 -4.57 -0.84 -6.71
C ASN B 45 -3.87 -1.52 -5.54
N LYS B 46 -3.65 -0.84 -4.43
CA LYS B 46 -2.84 -1.37 -3.35
C LYS B 46 -3.72 -1.84 -2.20
N ASP B 47 -3.07 -2.46 -1.21
CA ASP B 47 -3.79 -2.90 -0.04
C ASP B 47 -4.18 -1.72 0.85
N TRP B 48 -5.20 -1.94 1.67
CA TRP B 48 -5.71 -0.92 2.57
C TRP B 48 -4.79 -0.76 3.77
N ILE B 49 -4.76 0.47 4.30
CA ILE B 49 -4.05 0.80 5.52
C ILE B 49 -5.06 1.30 6.53
N LYS B 50 -5.05 0.69 7.72
CA LYS B 50 -6.01 1.03 8.77
C LYS B 50 -5.53 2.27 9.53
N LEU B 51 -6.39 3.27 9.62
CA LEU B 51 -6.01 4.56 10.16
C LEU B 51 -6.61 4.74 11.55
N HIS B 52 -5.86 5.41 12.43
CA HIS B 52 -6.38 5.77 13.73
C HIS B 52 -7.19 7.04 13.61
N ILE B 53 -8.37 7.07 14.22
CA ILE B 53 -9.17 8.29 14.28
C ILE B 53 -9.67 8.53 15.70
N PRO B 54 -9.72 9.77 16.17
CA PRO B 54 -10.30 10.03 17.49
C PRO B 54 -11.76 9.64 17.53
N ASN B 55 -12.20 9.10 18.65
CA ASN B 55 -13.59 8.73 18.77
C ASN B 55 -14.46 9.96 19.03
N ASN B 56 -15.73 9.85 18.66
CA ASN B 56 -16.75 10.89 18.81
C ASN B 56 -16.51 12.08 17.90
N ARG B 57 -15.74 11.94 16.82
CA ARG B 57 -15.60 13.02 15.86
C ARG B 57 -16.43 12.70 14.62
N LYS B 58 -16.84 13.75 13.92
CA LYS B 58 -17.56 13.64 12.66
C LYS B 58 -16.72 14.10 11.48
N SER B 59 -15.44 14.38 11.71
CA SER B 59 -14.55 14.90 10.69
C SER B 59 -13.15 14.41 11.00
N PHE B 60 -12.33 14.34 9.95
CA PHE B 60 -10.96 13.86 10.07
C PHE B 60 -10.16 14.42 8.91
N VAL B 61 -9.00 14.98 9.21
CA VAL B 61 -8.10 15.47 8.16
C VAL B 61 -6.98 14.45 8.00
N LEU B 62 -6.91 13.85 6.82
CA LEU B 62 -5.85 12.91 6.47
C LEU B 62 -4.72 13.69 5.80
N ASN B 63 -3.56 13.70 6.44
CA ASN B 63 -2.38 14.40 5.96
C ASN B 63 -1.35 13.38 5.44
N GLY B 64 -0.26 13.89 4.89
CA GLY B 64 0.84 13.04 4.47
C GLY B 64 0.69 12.38 3.12
N LEU B 65 -0.28 12.80 2.31
CA LEU B 65 -0.51 12.18 1.03
C LEU B 65 0.41 12.78 -0.02
N ASP B 66 0.57 12.04 -1.12
CA ASP B 66 1.26 12.52 -2.31
C ASP B 66 0.35 13.36 -3.18
N SER B 67 0.96 14.26 -3.95
CA SER B 67 0.22 15.15 -4.83
C SER B 67 -0.11 14.49 -6.15
N SER B 68 -1.16 15.01 -6.79
CA SER B 68 -1.65 14.50 -8.07
C SER B 68 -1.80 12.99 -8.09
N ARG B 69 -2.37 12.45 -7.01
CA ARG B 69 -2.42 11.01 -6.86
C ARG B 69 -3.82 10.55 -6.46
N ARG B 70 -4.22 9.40 -7.00
CA ARG B 70 -5.52 8.82 -6.73
C ARG B 70 -5.49 7.95 -5.49
N TYR B 71 -6.44 8.20 -4.59
CA TYR B 71 -6.58 7.44 -3.35
C TYR B 71 -8.04 7.04 -3.19
N GLN B 72 -8.28 6.05 -2.34
CA GLN B 72 -9.62 5.74 -1.86
C GLN B 72 -9.61 5.75 -0.36
N LEU B 73 -10.70 6.24 0.22
CA LEU B 73 -11.00 6.17 1.64
C LEU B 73 -12.24 5.30 1.81
N ARG B 74 -12.31 4.59 2.92
CA ARG B 74 -13.51 3.80 3.23
C ARG B 74 -13.77 3.94 4.73
N LEU B 75 -15.04 4.09 5.09
CA LEU B 75 -15.47 4.29 6.46
C LEU B 75 -16.60 3.31 6.78
N ALA B 76 -16.55 2.73 7.97
CA ALA B 76 -17.63 1.87 8.46
C ALA B 76 -17.86 2.17 9.93
N ALA B 77 -19.10 1.97 10.36
CA ALA B 77 -19.47 2.14 11.76
C ALA B 77 -19.55 0.78 12.44
N TYR B 78 -19.55 0.81 13.77
CA TYR B 78 -19.57 -0.39 14.58
C TYR B 78 -20.76 -0.38 15.53
N ASN B 79 -21.58 -1.43 15.46
CA ASN B 79 -22.48 -1.78 16.56
C ASN B 79 -21.69 -2.70 17.51
N ARG B 80 -22.38 -3.27 18.50
CA ARG B 80 -21.84 -4.42 19.20
C ARG B 80 -22.26 -5.73 18.55
N TYR B 81 -23.11 -5.68 17.53
CA TYR B 81 -23.34 -6.80 16.64
C TYR B 81 -22.25 -6.94 15.58
N GLY B 82 -21.34 -5.97 15.52
CA GLY B 82 -20.24 -6.04 14.58
C GLY B 82 -20.03 -4.76 13.79
N ARG B 83 -19.62 -4.91 12.53
CA ARG B 83 -19.20 -3.81 11.68
C ARG B 83 -20.14 -3.68 10.49
N GLY B 84 -20.61 -2.46 10.23
CA GLY B 84 -21.43 -2.21 9.08
C GLY B 84 -20.63 -2.28 7.80
N ASP B 85 -21.33 -2.07 6.69
CA ASP B 85 -20.64 -2.09 5.41
C ASP B 85 -19.84 -0.80 5.23
N PHE B 86 -18.84 -0.87 4.35
CA PHE B 86 -17.93 0.24 4.14
C PHE B 86 -18.54 1.23 3.16
N ALA B 87 -18.47 2.52 3.50
CA ALA B 87 -18.75 3.60 2.55
C ALA B 87 -17.43 4.01 1.90
N VAL B 88 -17.38 3.98 0.57
CA VAL B 88 -16.14 4.22 -0.18
C VAL B 88 -16.20 5.58 -0.86
N ILE B 89 -15.04 6.23 -0.96
CA ILE B 89 -14.92 7.49 -1.69
C ILE B 89 -13.52 7.56 -2.32
N GLY B 90 -13.48 7.83 -3.62
CA GLY B 90 -12.25 7.99 -4.36
C GLY B 90 -12.01 9.44 -4.76
N PHE B 91 -10.74 9.87 -4.70
CA PHE B 91 -10.40 11.25 -5.03
C PHE B 91 -8.94 11.31 -5.44
N THR B 92 -8.60 12.38 -6.17
CA THR B 92 -7.23 12.71 -6.53
C THR B 92 -6.80 13.97 -5.80
N THR B 93 -5.62 13.91 -5.17
CA THR B 93 -5.07 15.07 -4.48
C THR B 93 -4.72 16.15 -5.50
N ALA B 94 -4.64 17.38 -5.01
CA ALA B 94 -4.34 18.51 -5.87
C ALA B 94 -2.88 18.45 -6.33
N HIS B 95 -2.62 19.07 -7.47
CA HIS B 95 -1.25 19.28 -7.91
C HIS B 95 -0.50 20.12 -6.89
N LYS B 96 0.79 19.82 -6.74
CA LYS B 96 1.62 20.58 -5.81
C LYS B 96 1.73 22.03 -6.25
N GLU B 97 1.81 22.92 -5.27
CA GLU B 97 1.89 24.35 -5.55
C GLU B 97 3.22 24.65 -6.23
N ALA C 2 9.44 9.85 34.26
CA ALA C 2 8.36 8.95 34.67
C ALA C 2 7.67 8.37 33.43
N SER C 3 7.76 9.09 32.31
CA SER C 3 7.20 8.59 31.06
C SER C 3 8.00 7.38 30.56
N PRO C 4 7.39 6.52 29.76
CA PRO C 4 8.08 5.31 29.32
C PRO C 4 9.32 5.68 28.51
N PRO C 5 10.32 4.80 28.50
CA PRO C 5 11.47 5.02 27.61
C PRO C 5 11.04 4.79 26.17
N LEU C 6 11.91 5.19 25.25
CA LEU C 6 11.64 4.88 23.85
C LEU C 6 11.53 3.37 23.71
N PRO C 7 10.53 2.85 23.02
CA PRO C 7 10.44 1.40 22.85
C PRO C 7 11.58 0.90 21.97
N SER C 8 11.89 -0.39 22.13
CA SER C 8 12.87 -1.04 21.27
C SER C 8 12.10 -1.70 20.14
N ILE C 9 12.34 -1.24 18.92
CA ILE C 9 11.59 -1.69 17.75
C ILE C 9 12.54 -2.41 16.80
N SER C 10 11.96 -3.35 16.04
CA SER C 10 12.71 -4.18 15.11
C SER C 10 11.87 -4.32 13.85
N ILE C 11 12.51 -4.15 12.70
CA ILE C 11 11.85 -4.23 11.40
C ILE C 11 12.23 -5.54 10.73
N SER C 12 11.30 -6.10 9.97
CA SER C 12 11.53 -7.37 9.27
C SER C 12 10.53 -7.47 8.12
N HIS C 13 10.63 -8.57 7.37
CA HIS C 13 9.71 -8.87 6.28
C HIS C 13 9.57 -7.65 5.37
N VAL C 14 10.70 -7.12 4.91
CA VAL C 14 10.70 -5.92 4.06
C VAL C 14 10.47 -6.39 2.63
N THR C 15 9.25 -6.22 2.13
CA THR C 15 8.89 -6.62 0.79
C THR C 15 8.76 -5.39 -0.12
N SER C 16 8.26 -5.63 -1.34
CA SER C 16 8.06 -4.57 -2.32
C SER C 16 6.90 -3.64 -1.96
N SER C 17 6.04 -4.05 -1.00
CA SER C 17 4.89 -3.22 -0.64
C SER C 17 4.52 -3.31 0.85
N SER C 18 5.39 -3.84 1.71
CA SER C 18 5.01 -4.05 3.11
C SER C 18 6.26 -4.17 3.95
N VAL C 19 6.11 -3.91 5.26
CA VAL C 19 7.13 -4.18 6.26
C VAL C 19 6.41 -4.63 7.53
N GLN C 20 7.15 -5.35 8.38
CA GLN C 20 6.65 -5.78 9.68
C GLN C 20 7.49 -5.13 10.78
N LEU C 21 6.82 -4.65 11.82
CA LEU C 21 7.48 -4.02 12.95
C LEU C 21 7.13 -4.77 14.23
N ASN C 22 8.15 -5.06 15.04
CA ASN C 22 8.00 -5.72 16.32
C ASN C 22 8.52 -4.80 17.42
N TRP C 23 7.82 -4.75 18.54
CA TRP C 23 8.29 -3.97 19.68
C TRP C 23 8.10 -4.76 20.97
N GLU C 24 8.23 -6.08 20.90
CA GLU C 24 8.08 -6.93 22.08
C GLU C 24 9.24 -6.73 23.06
N THR C 33 1.46 -1.94 32.58
CA THR C 33 1.69 -0.56 33.02
C THR C 33 1.76 0.39 31.84
N ILE C 34 2.14 -0.13 30.67
CA ILE C 34 2.06 0.64 29.43
C ILE C 34 0.61 0.55 28.96
N LYS C 35 -0.07 1.70 28.94
CA LYS C 35 -1.49 1.73 28.59
C LYS C 35 -1.70 1.51 27.11
N GLN C 36 -0.87 2.12 26.26
CA GLN C 36 -1.07 2.04 24.83
C GLN C 36 0.21 2.52 24.13
N TYR C 37 0.23 2.33 22.83
CA TYR C 37 1.29 2.83 21.97
C TYR C 37 0.71 3.80 20.96
N LEU C 38 1.58 4.67 20.43
CA LEU C 38 1.25 5.55 19.32
C LEU C 38 2.18 5.15 18.18
N LEU C 39 1.59 4.61 17.12
CA LEU C 39 2.31 4.17 15.92
C LEU C 39 1.95 5.11 14.77
N GLU C 40 2.98 5.61 14.08
CA GLU C 40 2.79 6.48 12.92
C GLU C 40 3.77 6.07 11.82
N PHE C 41 3.43 6.41 10.58
CA PHE C 41 4.34 6.18 9.45
C PHE C 41 4.24 7.37 8.50
N ARG C 42 5.24 7.49 7.64
CA ARG C 42 5.22 8.55 6.65
C ARG C 42 6.15 8.22 5.49
N GLY C 43 5.83 8.75 4.31
CA GLY C 43 6.85 8.90 3.29
C GLY C 43 7.88 9.91 3.77
N ASP C 44 9.14 9.67 3.41
CA ASP C 44 10.22 10.52 3.90
C ASP C 44 9.91 11.98 3.58
N ASN C 45 10.21 12.84 4.56
CA ASN C 45 10.07 14.29 4.46
C ASN C 45 8.62 14.74 4.32
N LYS C 46 7.65 13.91 4.71
CA LYS C 46 6.24 14.29 4.64
C LYS C 46 5.61 14.28 6.03
N ASP C 47 4.32 14.57 6.09
CA ASP C 47 3.61 14.55 7.37
C ASP C 47 3.35 13.11 7.80
N TRP C 48 3.29 12.91 9.10
CA TRP C 48 3.08 11.59 9.68
C TRP C 48 1.60 11.25 9.69
N ILE C 49 1.31 9.96 9.50
CA ILE C 49 -0.03 9.40 9.51
C ILE C 49 -0.14 8.44 10.67
N LYS C 50 -1.16 8.64 11.52
CA LYS C 50 -1.36 7.79 12.69
C LYS C 50 -2.07 6.49 12.30
N LEU C 51 -1.48 5.36 12.71
CA LEU C 51 -1.96 4.05 12.31
C LEU C 51 -2.75 3.38 13.44
N HIS C 52 -3.73 2.56 13.05
CA HIS C 52 -4.58 1.83 13.99
C HIS C 52 -3.93 0.50 14.32
N ILE C 53 -3.72 0.24 15.61
CA ILE C 53 -3.15 -1.03 16.05
C ILE C 53 -4.05 -1.65 17.13
N PRO C 54 -4.13 -2.97 17.23
CA PRO C 54 -4.79 -3.58 18.39
C PRO C 54 -3.91 -3.52 19.63
N ASN C 55 -4.57 -3.37 20.79
CA ASN C 55 -3.87 -3.22 22.07
C ASN C 55 -3.35 -4.54 22.63
N ASN C 56 -3.75 -5.65 21.97
CA ASN C 56 -3.38 -7.02 22.36
C ASN C 56 -2.12 -7.54 21.66
N ARG C 57 -1.39 -6.67 20.99
CA ARG C 57 -0.30 -7.16 20.17
C ARG C 57 0.89 -6.21 20.18
N LYS C 58 2.07 -6.81 19.99
CA LYS C 58 3.35 -6.09 19.93
C LYS C 58 4.00 -6.27 18.56
N SER C 59 3.19 -6.57 17.55
CA SER C 59 3.63 -6.82 16.19
C SER C 59 2.66 -6.10 15.26
N PHE C 60 3.13 -5.79 14.05
CA PHE C 60 2.27 -5.08 13.11
C PHE C 60 2.83 -5.19 11.69
N VAL C 61 1.95 -5.49 10.74
CA VAL C 61 2.30 -5.50 9.33
C VAL C 61 1.71 -4.25 8.70
N LEU C 62 2.57 -3.44 8.09
CA LEU C 62 2.17 -2.25 7.36
C LEU C 62 2.18 -2.62 5.88
N ASN C 63 0.98 -2.80 5.31
CA ASN C 63 0.82 -3.16 3.90
C ASN C 63 0.52 -1.91 3.07
N GLY C 64 0.48 -2.10 1.75
CA GLY C 64 0.00 -1.06 0.85
C GLY C 64 1.02 -0.01 0.45
N LEU C 65 2.30 -0.28 0.59
CA LEU C 65 3.32 0.72 0.32
C LEU C 65 3.81 0.64 -1.12
N ASP C 66 4.41 1.74 -1.58
CA ASP C 66 5.04 1.80 -2.87
C ASP C 66 6.39 1.07 -2.87
N SER C 67 6.81 0.65 -4.06
N SER C 67 6.81 0.65 -4.06
CA SER C 67 8.04 -0.10 -4.24
CA SER C 67 8.04 -0.10 -4.23
C SER C 67 9.24 0.83 -4.30
C SER C 67 9.24 0.83 -4.30
N SER C 68 10.37 0.32 -3.80
CA SER C 68 11.67 1.02 -3.88
C SER C 68 11.61 2.42 -3.27
N ARG C 69 10.83 2.59 -2.21
CA ARG C 69 10.56 3.92 -1.68
C ARG C 69 10.95 4.02 -0.21
N ARG C 70 11.47 5.19 0.16
CA ARG C 70 11.87 5.44 1.53
C ARG C 70 10.67 5.87 2.37
N TYR C 71 10.40 5.12 3.43
CA TYR C 71 9.40 5.43 4.43
C TYR C 71 10.06 5.47 5.80
N GLN C 72 9.30 5.99 6.77
CA GLN C 72 9.68 5.94 8.17
C GLN C 72 8.51 5.44 8.99
N LEU C 73 8.82 4.74 10.07
CA LEU C 73 7.86 4.28 11.06
C LEU C 73 8.33 4.81 12.41
N ARG C 74 7.41 5.21 13.28
CA ARG C 74 7.80 5.59 14.63
C ARG C 74 6.76 5.17 15.65
N LEU C 75 7.25 4.86 16.85
CA LEU C 75 6.46 4.24 17.90
C LEU C 75 6.81 4.89 19.22
N ALA C 76 5.80 5.32 19.96
CA ALA C 76 5.97 5.83 21.31
C ALA C 76 5.02 5.09 22.23
N ALA C 77 5.41 4.97 23.50
CA ALA C 77 4.60 4.29 24.49
C ALA C 77 4.03 5.29 25.48
N TYR C 78 2.82 4.99 25.96
CA TYR C 78 2.20 5.74 27.05
C TYR C 78 2.16 4.91 28.33
N ASN C 79 2.48 5.53 29.46
CA ASN C 79 2.05 5.04 30.76
C ASN C 79 1.18 6.12 31.39
N ARG C 80 0.78 5.90 32.64
CA ARG C 80 -0.13 6.83 33.30
C ARG C 80 0.50 8.19 33.56
N TYR C 81 1.82 8.33 33.42
CA TYR C 81 2.50 9.61 33.64
C TYR C 81 2.74 10.41 32.36
N GLY C 82 2.47 9.85 31.19
CA GLY C 82 2.61 10.59 29.95
C GLY C 82 3.13 9.72 28.83
N ARG C 83 3.41 10.36 27.71
CA ARG C 83 3.95 9.70 26.52
C ARG C 83 5.46 9.89 26.49
N GLY C 84 6.17 8.82 26.13
CA GLY C 84 7.61 8.84 25.99
C GLY C 84 8.05 9.32 24.62
N ASP C 85 9.36 9.26 24.42
CA ASP C 85 9.92 9.66 23.12
C ASP C 85 9.60 8.62 22.06
N PHE C 86 9.57 9.08 20.81
CA PHE C 86 9.39 8.17 19.68
C PHE C 86 10.69 7.42 19.40
N ALA C 87 10.57 6.14 19.14
CA ALA C 87 11.62 5.37 18.46
C ALA C 87 11.32 5.38 16.97
N VAL C 88 12.31 5.72 16.15
CA VAL C 88 12.11 5.90 14.72
C VAL C 88 12.91 4.84 13.97
N ILE C 89 12.38 4.41 12.83
CA ILE C 89 13.07 3.48 11.95
C ILE C 89 12.78 3.85 10.50
N GLY C 90 13.83 4.11 9.73
CA GLY C 90 13.71 4.38 8.31
C GLY C 90 14.07 3.16 7.48
N PHE C 91 13.34 2.97 6.37
CA PHE C 91 13.53 1.81 5.53
C PHE C 91 13.14 2.13 4.09
N THR C 92 13.67 1.32 3.17
CA THR C 92 13.31 1.39 1.74
C THR C 92 12.70 0.06 1.34
N THR C 93 11.48 0.10 0.81
CA THR C 93 10.84 -1.11 0.34
C THR C 93 11.64 -1.71 -0.82
N ALA C 94 11.38 -3.00 -1.06
CA ALA C 94 12.15 -3.69 -2.08
C ALA C 94 11.66 -3.33 -3.48
N HIS C 95 12.47 -3.72 -4.47
CA HIS C 95 12.19 -3.40 -5.86
C HIS C 95 10.99 -4.18 -6.38
N LYS C 96 10.32 -3.61 -7.38
CA LYS C 96 9.26 -4.28 -8.11
C LYS C 96 8.09 -4.64 -7.22
N ALA D 2 -26.19 -22.08 24.50
CA ALA D 2 -25.44 -20.83 24.55
C ALA D 2 -24.26 -20.81 23.56
N SER D 3 -23.94 -21.98 23.00
CA SER D 3 -22.87 -22.09 22.01
C SER D 3 -23.29 -21.43 20.69
N PRO D 4 -22.32 -21.06 19.85
CA PRO D 4 -22.67 -20.31 18.64
C PRO D 4 -23.44 -21.19 17.66
N PRO D 5 -24.27 -20.59 16.81
CA PRO D 5 -24.95 -21.36 15.78
C PRO D 5 -24.00 -21.70 14.63
N LEU D 6 -24.52 -22.48 13.70
CA LEU D 6 -23.79 -22.83 12.49
C LEU D 6 -23.33 -21.56 11.79
N PRO D 7 -22.08 -21.51 11.33
CA PRO D 7 -21.68 -20.39 10.46
C PRO D 7 -22.26 -20.56 9.07
N SER D 8 -22.24 -19.47 8.32
CA SER D 8 -22.62 -19.44 6.91
C SER D 8 -21.33 -19.39 6.10
N ILE D 9 -21.12 -20.38 5.23
CA ILE D 9 -19.88 -20.52 4.49
C ILE D 9 -20.16 -20.40 3.01
N SER D 10 -19.21 -19.81 2.29
CA SER D 10 -19.37 -19.55 0.87
C SER D 10 -18.04 -19.76 0.16
N ILE D 11 -18.12 -20.20 -1.09
N ILE D 11 -18.09 -20.30 -1.05
CA ILE D 11 -16.98 -20.67 -1.87
CA ILE D 11 -16.86 -20.56 -1.78
C ILE D 11 -16.87 -19.81 -3.14
C ILE D 11 -16.84 -19.77 -3.08
N SER D 12 -15.63 -19.55 -3.56
CA SER D 12 -15.41 -18.77 -4.78
C SER D 12 -14.02 -19.07 -5.33
N HIS D 13 -13.82 -18.67 -6.58
CA HIS D 13 -12.54 -18.80 -7.26
C HIS D 13 -12.01 -20.23 -7.15
N VAL D 14 -12.85 -21.18 -7.58
CA VAL D 14 -12.44 -22.58 -7.63
C VAL D 14 -11.46 -22.75 -8.80
N THR D 15 -10.23 -23.14 -8.50
CA THR D 15 -9.25 -23.40 -9.53
C THR D 15 -8.88 -24.88 -9.53
N SER D 16 -7.89 -25.24 -10.34
CA SER D 16 -7.42 -26.63 -10.31
C SER D 16 -6.59 -26.96 -9.06
N SER D 17 -6.34 -26.01 -8.18
CA SER D 17 -5.55 -26.33 -6.99
C SER D 17 -5.92 -25.51 -5.77
N SER D 18 -7.01 -24.74 -5.81
CA SER D 18 -7.32 -23.84 -4.72
C SER D 18 -8.80 -23.48 -4.74
N VAL D 19 -9.25 -22.96 -3.60
CA VAL D 19 -10.59 -22.42 -3.44
C VAL D 19 -10.49 -21.31 -2.41
N GLN D 20 -11.30 -20.28 -2.59
CA GLN D 20 -11.45 -19.21 -1.61
C GLN D 20 -12.68 -19.49 -0.76
N LEU D 21 -12.51 -19.47 0.55
CA LEU D 21 -13.58 -19.70 1.51
C LEU D 21 -13.83 -18.39 2.25
N ASN D 22 -15.10 -18.01 2.32
CA ASN D 22 -15.57 -16.88 3.12
C ASN D 22 -16.60 -17.37 4.12
N TRP D 23 -16.63 -16.76 5.31
CA TRP D 23 -17.65 -17.16 6.28
C TRP D 23 -18.12 -15.96 7.10
N GLU D 24 -19.43 -15.97 7.40
CA GLU D 24 -20.05 -15.08 8.36
C GLU D 24 -20.79 -15.93 9.39
N ASN D 25 -21.33 -15.29 10.42
CA ASN D 25 -22.07 -16.04 11.42
C ASN D 25 -23.56 -15.82 11.28
N VAL D 29 -25.71 -13.64 16.75
CA VAL D 29 -24.82 -13.43 17.89
C VAL D 29 -24.12 -12.07 17.75
N PRO D 30 -23.82 -11.42 18.87
CA PRO D 30 -22.95 -10.24 18.82
C PRO D 30 -21.56 -10.63 18.31
N ALA D 31 -21.03 -9.85 17.37
CA ALA D 31 -19.88 -10.30 16.59
C ALA D 31 -18.72 -10.75 17.46
N SER D 32 -18.40 -10.00 18.51
CA SER D 32 -17.22 -10.32 19.31
C SER D 32 -17.48 -11.40 20.35
N THR D 33 -18.71 -11.94 20.42
CA THR D 33 -18.91 -13.14 21.21
C THR D 33 -18.26 -14.36 20.57
N ILE D 34 -18.00 -14.31 19.26
CA ILE D 34 -17.29 -15.38 18.58
C ILE D 34 -15.80 -15.18 18.80
N LYS D 35 -15.17 -16.14 19.47
CA LYS D 35 -13.77 -16.02 19.81
C LYS D 35 -12.85 -16.60 18.75
N GLN D 36 -13.25 -17.68 18.07
CA GLN D 36 -12.46 -18.24 16.99
C GLN D 36 -13.30 -19.26 16.25
N TYR D 37 -12.74 -19.77 15.16
CA TYR D 37 -13.35 -20.83 14.36
C TYR D 37 -12.41 -22.02 14.26
N LEU D 38 -12.98 -23.17 13.94
CA LEU D 38 -12.22 -24.36 13.58
C LEU D 38 -12.62 -24.79 12.17
N LEU D 39 -11.63 -24.92 11.29
CA LEU D 39 -11.80 -25.30 9.91
C LEU D 39 -11.06 -26.60 9.65
N GLU D 40 -11.75 -27.56 9.04
CA GLU D 40 -11.18 -28.85 8.67
C GLU D 40 -11.53 -29.15 7.22
N PHE D 41 -10.69 -29.96 6.58
CA PHE D 41 -10.96 -30.40 5.22
C PHE D 41 -10.53 -31.84 5.08
N ARG D 42 -11.01 -32.46 4.01
CA ARG D 42 -10.61 -33.83 3.70
C ARG D 42 -10.86 -34.12 2.24
N GLY D 43 -10.06 -35.04 1.72
CA GLY D 43 -10.40 -35.71 0.48
C GLY D 43 -11.49 -36.75 0.68
N ASP D 44 -12.14 -37.13 -0.42
CA ASP D 44 -13.31 -37.99 -0.36
C ASP D 44 -13.12 -39.17 0.58
N ASN D 45 -13.98 -39.24 1.61
CA ASN D 45 -14.08 -40.35 2.56
C ASN D 45 -12.80 -40.60 3.34
N LYS D 46 -11.86 -39.67 3.33
CA LYS D 46 -10.68 -39.75 4.19
C LYS D 46 -10.98 -39.07 5.53
N ASP D 47 -10.03 -39.21 6.46
CA ASP D 47 -10.11 -38.50 7.73
C ASP D 47 -9.94 -37.00 7.54
N TRP D 48 -10.56 -36.24 8.45
CA TRP D 48 -10.47 -34.79 8.45
C TRP D 48 -9.09 -34.31 8.91
N ILE D 49 -8.64 -33.18 8.33
CA ILE D 49 -7.40 -32.53 8.69
C ILE D 49 -7.72 -31.12 9.18
N LYS D 50 -7.27 -30.79 10.39
CA LYS D 50 -7.53 -29.48 10.96
C LYS D 50 -6.61 -28.43 10.37
N LEU D 51 -7.19 -27.37 9.83
CA LEU D 51 -6.43 -26.34 9.15
C LEU D 51 -6.21 -25.14 10.06
N HIS D 52 -5.10 -24.45 9.84
CA HIS D 52 -4.86 -23.17 10.50
C HIS D 52 -5.41 -22.05 9.65
N ILE D 53 -6.21 -21.19 10.25
CA ILE D 53 -6.79 -20.04 9.57
C ILE D 53 -6.33 -18.78 10.31
N PRO D 54 -6.22 -17.65 9.64
CA PRO D 54 -5.71 -16.45 10.32
C PRO D 54 -6.76 -15.86 11.23
N ASN D 55 -6.29 -15.31 12.34
CA ASN D 55 -7.17 -14.53 13.22
C ASN D 55 -7.65 -13.29 12.49
N ASN D 56 -8.84 -12.82 12.88
CA ASN D 56 -9.32 -11.51 12.45
C ASN D 56 -9.45 -11.37 10.94
N ARG D 57 -9.74 -12.48 10.27
CA ARG D 57 -10.11 -12.48 8.86
C ARG D 57 -11.18 -13.54 8.68
N LYS D 58 -12.21 -13.23 7.90
CA LYS D 58 -13.30 -14.16 7.65
C LYS D 58 -13.27 -14.67 6.21
N SER D 59 -12.08 -14.71 5.63
CA SER D 59 -11.87 -15.22 4.29
C SER D 59 -10.47 -15.81 4.24
N PHE D 60 -10.29 -16.79 3.36
CA PHE D 60 -9.14 -17.67 3.42
C PHE D 60 -9.05 -18.44 2.11
N VAL D 61 -7.87 -18.49 1.50
CA VAL D 61 -7.65 -19.22 0.26
C VAL D 61 -6.88 -20.48 0.57
N LEU D 62 -7.52 -21.64 0.36
CA LEU D 62 -6.91 -22.94 0.57
C LEU D 62 -6.22 -23.35 -0.72
N ASN D 63 -4.89 -23.28 -0.73
CA ASN D 63 -4.06 -23.68 -1.85
C ASN D 63 -3.58 -25.12 -1.66
N GLY D 64 -2.90 -25.64 -2.69
CA GLY D 64 -2.21 -26.91 -2.61
C GLY D 64 -3.06 -28.15 -2.83
N LEU D 65 -4.24 -27.98 -3.43
CA LEU D 65 -5.15 -29.10 -3.67
C LEU D 65 -4.84 -29.77 -5.01
N ASP D 66 -5.32 -31.00 -5.14
CA ASP D 66 -5.27 -31.71 -6.41
C ASP D 66 -6.40 -31.23 -7.32
N SER D 67 -6.19 -31.37 -8.62
CA SER D 67 -7.17 -31.01 -9.62
C SER D 67 -8.17 -32.12 -9.83
N SER D 68 -9.35 -31.73 -10.32
CA SER D 68 -10.45 -32.64 -10.63
C SER D 68 -10.75 -33.59 -9.48
N ARG D 69 -10.65 -33.09 -8.26
CA ARG D 69 -10.84 -33.90 -7.07
C ARG D 69 -11.88 -33.29 -6.14
N ARG D 70 -12.67 -34.16 -5.52
CA ARG D 70 -13.73 -33.78 -4.61
C ARG D 70 -13.17 -33.67 -3.20
N TYR D 71 -13.46 -32.54 -2.56
CA TYR D 71 -13.04 -32.29 -1.19
C TYR D 71 -14.25 -31.86 -0.39
N GLN D 72 -14.12 -31.92 0.93
CA GLN D 72 -15.11 -31.35 1.82
C GLN D 72 -14.41 -30.41 2.79
N LEU D 73 -15.17 -29.41 3.21
CA LEU D 73 -14.77 -28.45 4.23
C LEU D 73 -15.83 -28.47 5.32
N ARG D 74 -15.40 -28.24 6.55
CA ARG D 74 -16.35 -28.00 7.63
C ARG D 74 -15.78 -26.93 8.56
N LEU D 75 -16.67 -26.09 9.05
CA LEU D 75 -16.31 -24.90 9.81
C LEU D 75 -17.24 -24.79 11.00
N ALA D 76 -16.71 -24.43 12.15
CA ALA D 76 -17.54 -24.20 13.31
C ALA D 76 -16.94 -23.05 14.10
N ALA D 77 -17.82 -22.39 14.86
CA ALA D 77 -17.46 -21.20 15.61
C ALA D 77 -17.41 -21.52 17.10
N TYR D 78 -16.45 -20.89 17.78
CA TYR D 78 -16.30 -20.97 19.23
C TYR D 78 -16.80 -19.68 19.87
N ASN D 79 -17.53 -19.80 20.99
CA ASN D 79 -17.72 -18.67 21.90
C ASN D 79 -17.30 -19.12 23.30
N ARG D 80 -17.33 -18.19 24.25
CA ARG D 80 -16.86 -18.51 25.60
C ARG D 80 -17.56 -19.75 26.17
N TYR D 81 -18.79 -20.01 25.72
CA TYR D 81 -19.53 -21.16 26.23
C TYR D 81 -19.12 -22.46 25.58
N GLY D 82 -18.59 -22.43 24.37
CA GLY D 82 -18.14 -23.63 23.70
C GLY D 82 -18.20 -23.47 22.19
N ARG D 83 -18.04 -24.59 21.49
CA ARG D 83 -18.07 -24.60 20.04
C ARG D 83 -19.38 -25.18 19.53
N GLY D 84 -19.96 -24.53 18.52
CA GLY D 84 -21.20 -24.98 17.91
C GLY D 84 -20.94 -26.02 16.84
N ASP D 85 -22.01 -26.32 16.10
CA ASP D 85 -21.97 -27.37 15.09
C ASP D 85 -21.19 -26.92 13.88
N PHE D 86 -20.79 -27.91 13.08
CA PHE D 86 -20.05 -27.66 11.85
C PHE D 86 -21.03 -27.35 10.72
N ALA D 87 -20.72 -26.32 9.94
CA ALA D 87 -21.26 -26.19 8.59
C ALA D 87 -20.36 -27.00 7.67
N VAL D 88 -20.96 -27.81 6.80
CA VAL D 88 -20.23 -28.74 5.95
C VAL D 88 -20.57 -28.45 4.49
N ILE D 89 -19.56 -28.41 3.64
N ILE D 89 -19.57 -28.45 3.63
CA ILE D 89 -19.74 -28.20 2.20
CA ILE D 89 -19.76 -28.24 2.21
C ILE D 89 -18.71 -29.03 1.44
C ILE D 89 -18.72 -29.04 1.44
N GLY D 90 -19.12 -29.51 0.28
CA GLY D 90 -18.22 -30.18 -0.64
C GLY D 90 -18.01 -29.36 -1.90
N PHE D 91 -16.89 -29.61 -2.58
CA PHE D 91 -16.62 -28.97 -3.85
C PHE D 91 -15.66 -29.86 -4.61
N THR D 92 -15.65 -29.71 -5.93
CA THR D 92 -14.70 -30.38 -6.80
C THR D 92 -13.82 -29.32 -7.44
N THR D 93 -12.50 -29.51 -7.34
CA THR D 93 -11.59 -28.58 -7.98
C THR D 93 -11.73 -28.67 -9.50
N ALA D 94 -11.28 -27.62 -10.17
CA ALA D 94 -11.39 -27.56 -11.63
C ALA D 94 -10.37 -28.47 -12.29
N HIS D 95 -10.65 -28.80 -13.55
CA HIS D 95 -9.70 -29.58 -14.33
C HIS D 95 -8.42 -28.80 -14.52
N LYS D 96 -7.33 -29.51 -14.73
CA LYS D 96 -6.04 -28.87 -14.95
C LYS D 96 -6.00 -28.26 -16.35
N GLU D 97 -5.37 -27.10 -16.46
CA GLU D 97 -5.26 -26.40 -17.74
C GLU D 97 -3.96 -26.74 -18.46
N GLY E 1 7.09 13.24 -1.68
CA GLY E 1 8.28 12.53 -2.11
C GLY E 1 7.98 11.23 -2.84
N ALA E 2 6.97 11.24 -3.71
CA ALA E 2 6.71 10.07 -4.54
C ALA E 2 7.93 9.77 -5.40
N SER E 3 8.19 8.49 -5.60
CA SER E 3 9.30 8.11 -6.48
C SER E 3 9.07 8.70 -7.87
N PRO E 4 10.16 9.00 -8.61
CA PRO E 4 9.98 9.56 -9.95
C PRO E 4 9.13 8.67 -10.81
N PRO E 5 8.42 9.24 -11.78
CA PRO E 5 7.54 8.42 -12.63
C PRO E 5 8.33 7.68 -13.71
N LEU E 6 7.64 6.80 -14.39
CA LEU E 6 8.24 6.12 -15.53
C LEU E 6 8.83 7.17 -16.47
N PRO E 7 10.12 7.11 -16.80
CA PRO E 7 10.67 8.04 -17.80
C PRO E 7 9.90 7.92 -19.11
N SER E 8 9.79 9.02 -19.84
CA SER E 8 9.16 9.00 -21.16
C SER E 8 10.29 8.93 -22.18
N ILE E 9 10.52 7.72 -22.66
CA ILE E 9 11.68 7.38 -23.49
C ILE E 9 11.29 7.49 -24.95
N SER E 10 12.22 8.00 -25.75
CA SER E 10 12.01 8.19 -27.17
C SER E 10 13.30 7.81 -27.89
N ILE E 11 13.18 7.18 -29.05
N ILE E 11 13.14 7.24 -29.09
CA ILE E 11 14.38 6.78 -29.77
CA ILE E 11 14.21 6.62 -29.87
C ILE E 11 14.36 7.31 -31.18
C ILE E 11 14.32 7.33 -31.22
N SER E 12 15.57 7.56 -31.67
CA SER E 12 15.82 8.19 -32.96
C SER E 12 17.16 7.69 -33.48
N HIS E 13 17.42 8.00 -34.75
CA HIS E 13 18.70 7.71 -35.40
C HIS E 13 19.11 6.25 -35.21
N VAL E 14 18.20 5.35 -35.54
CA VAL E 14 18.52 3.93 -35.55
C VAL E 14 19.45 3.69 -36.74
N THR E 15 20.66 3.22 -36.46
CA THR E 15 21.61 2.87 -37.48
C THR E 15 21.86 1.37 -37.43
N SER E 16 22.83 0.91 -38.21
CA SER E 16 23.20 -0.50 -38.19
C SER E 16 24.07 -0.84 -37.00
N SER E 17 24.43 0.13 -36.17
CA SER E 17 25.25 -0.15 -35.01
C SER E 17 24.93 0.71 -33.79
N SER E 18 23.88 1.52 -33.82
CA SER E 18 23.65 2.44 -32.71
C SER E 18 22.20 2.91 -32.70
N VAL E 19 21.80 3.47 -31.56
CA VAL E 19 20.50 4.09 -31.38
C VAL E 19 20.69 5.27 -30.45
N GLN E 20 19.89 6.31 -30.66
CA GLN E 20 19.88 7.47 -29.77
C GLN E 20 18.63 7.43 -28.92
N LEU E 21 18.82 7.52 -27.60
CA LEU E 21 17.75 7.50 -26.61
C LEU E 21 17.59 8.91 -26.06
N ASN E 22 16.34 9.36 -25.95
CA ASN E 22 16.01 10.65 -25.37
C ASN E 22 14.93 10.46 -24.33
N TRP E 23 15.05 11.18 -23.20
CA TRP E 23 14.00 11.12 -22.19
C TRP E 23 13.73 12.47 -21.52
N GLU E 24 14.17 13.58 -22.12
CA GLU E 24 13.71 14.87 -21.67
C GLU E 24 12.19 14.95 -21.77
N ASN E 25 11.58 15.64 -20.82
CA ASN E 25 10.18 16.04 -20.91
C ASN E 25 10.17 17.55 -20.72
N SER E 26 10.15 18.29 -21.83
CA SER E 26 10.19 19.75 -21.75
C SER E 26 9.01 20.30 -20.97
N GLN E 27 7.84 19.64 -21.04
CA GLN E 27 6.63 20.15 -20.41
C GLN E 27 6.67 20.10 -18.90
N ALA E 28 7.61 19.35 -18.32
CA ALA E 28 7.56 19.06 -16.89
C ALA E 28 7.87 20.30 -16.07
N VAL E 29 7.27 20.35 -14.88
CA VAL E 29 7.63 21.33 -13.87
C VAL E 29 9.10 21.09 -13.52
N PRO E 30 9.81 22.06 -12.95
CA PRO E 30 11.18 21.79 -12.50
C PRO E 30 11.18 20.74 -11.40
N ALA E 31 12.15 19.83 -11.48
CA ALA E 31 12.30 18.82 -10.44
C ALA E 31 12.50 19.48 -9.08
N SER E 32 11.65 19.13 -8.12
CA SER E 32 11.81 19.67 -6.77
C SER E 32 13.02 19.09 -6.06
N THR E 33 13.48 17.90 -6.48
CA THR E 33 14.79 17.40 -6.14
C THR E 33 15.34 16.66 -7.36
N ILE E 34 16.65 16.57 -7.42
CA ILE E 34 17.33 16.22 -8.67
C ILE E 34 17.22 14.72 -8.93
N LYS E 35 16.96 14.38 -10.20
CA LYS E 35 16.78 12.99 -10.62
C LYS E 35 18.08 12.48 -11.22
N GLN E 36 18.36 11.22 -10.98
CA GLN E 36 19.45 10.48 -11.62
C GLN E 36 18.82 9.22 -12.22
N TYR E 37 19.55 8.57 -13.11
CA TYR E 37 18.95 7.56 -13.96
C TYR E 37 19.77 6.27 -13.98
N LEU E 38 19.06 5.14 -14.12
CA LEU E 38 19.67 3.83 -14.31
C LEU E 38 19.28 3.31 -15.70
N LEU E 39 20.27 2.83 -16.46
CA LEU E 39 20.03 2.36 -17.83
C LEU E 39 20.64 0.98 -18.04
N GLU E 40 19.89 0.09 -18.69
CA GLU E 40 20.37 -1.25 -18.95
C GLU E 40 19.94 -1.65 -20.35
N PHE E 41 20.67 -2.59 -20.94
CA PHE E 41 20.31 -3.11 -22.26
C PHE E 41 20.61 -4.59 -22.33
N ARG E 42 20.01 -5.24 -23.33
CA ARG E 42 20.27 -6.65 -23.52
C ARG E 42 19.90 -7.05 -24.93
N GLY E 43 20.60 -8.08 -25.41
CA GLY E 43 20.13 -8.80 -26.57
C GLY E 43 18.93 -9.66 -26.22
N ASP E 44 18.16 -9.99 -27.25
CA ASP E 44 17.00 -10.87 -27.09
C ASP E 44 17.36 -12.09 -26.25
N ASN E 45 16.49 -12.44 -25.30
CA ASN E 45 16.58 -13.62 -24.46
C ASN E 45 17.63 -13.49 -23.36
N LYS E 46 18.46 -12.45 -23.35
CA LYS E 46 19.69 -12.47 -22.58
C LYS E 46 19.56 -11.71 -21.27
N ASP E 47 20.60 -11.82 -20.45
CA ASP E 47 20.66 -11.05 -19.22
C ASP E 47 20.91 -9.57 -19.50
N TRP E 48 20.44 -8.73 -18.59
CA TRP E 48 20.60 -7.29 -18.71
C TRP E 48 22.02 -6.86 -18.39
N ILE E 49 22.52 -5.89 -19.15
CA ILE E 49 23.84 -5.30 -18.92
C ILE E 49 23.63 -3.86 -18.46
N LYS E 50 24.17 -3.51 -17.30
CA LYS E 50 24.02 -2.18 -16.75
C LYS E 50 25.01 -1.22 -17.42
N LEU E 51 24.50 -0.10 -17.93
CA LEU E 51 25.26 0.85 -18.70
C LEU E 51 25.63 2.06 -17.85
N HIS E 52 26.81 2.61 -18.11
CA HIS E 52 27.22 3.88 -17.48
C HIS E 52 26.71 5.04 -18.32
N ILE E 53 25.94 5.93 -17.70
CA ILE E 53 25.51 7.16 -18.36
C ILE E 53 25.85 8.35 -17.47
N PRO E 54 26.20 9.50 -18.05
CA PRO E 54 26.48 10.68 -17.23
C PRO E 54 25.22 11.22 -16.56
N ASN E 55 25.42 11.93 -15.45
CA ASN E 55 24.31 12.39 -14.63
C ASN E 55 23.71 13.71 -15.09
N ASN E 56 24.31 14.37 -16.09
CA ASN E 56 23.91 15.71 -16.49
C ASN E 56 23.12 15.77 -17.78
N ARG E 57 22.70 14.62 -18.31
CA ARG E 57 22.11 14.56 -19.64
C ARG E 57 20.83 13.72 -19.65
N LYS E 58 19.96 14.04 -20.58
CA LYS E 58 18.71 13.32 -20.81
C LYS E 58 18.67 12.76 -22.23
N SER E 59 19.83 12.51 -22.80
CA SER E 59 19.95 11.79 -24.06
C SER E 59 21.21 10.94 -23.97
N PHE E 60 21.24 9.89 -24.80
CA PHE E 60 22.33 8.93 -24.75
C PHE E 60 22.36 8.19 -26.08
N VAL E 61 23.55 8.07 -26.67
CA VAL E 61 23.75 7.27 -27.88
C VAL E 61 24.42 5.96 -27.48
N LEU E 62 23.76 4.85 -27.77
CA LEU E 62 24.29 3.52 -27.53
C LEU E 62 24.91 3.04 -28.83
N ASN E 63 26.23 2.99 -28.86
CA ASN E 63 27.01 2.53 -30.00
C ASN E 63 27.43 1.09 -29.79
N GLY E 64 28.05 0.52 -30.82
CA GLY E 64 28.70 -0.77 -30.69
C GLY E 64 27.78 -1.96 -30.80
N LEU E 65 26.61 -1.80 -31.39
CA LEU E 65 25.63 -2.86 -31.51
C LEU E 65 25.80 -3.62 -32.82
N ASP E 66 25.24 -4.83 -32.85
CA ASP E 66 25.18 -5.59 -34.10
C ASP E 66 24.07 -5.06 -35.00
N SER E 67 24.23 -5.27 -36.29
CA SER E 67 23.21 -4.91 -37.27
C SER E 67 22.10 -5.96 -37.32
N SER E 68 20.93 -5.51 -37.77
CA SER E 68 19.75 -6.35 -37.95
C SER E 68 19.48 -7.21 -36.72
N ARG E 69 19.59 -6.60 -35.54
CA ARG E 69 19.45 -7.35 -34.29
C ARG E 69 18.52 -6.64 -33.32
N ARG E 70 17.71 -7.41 -32.61
CA ARG E 70 16.79 -6.82 -31.65
C ARG E 70 17.46 -6.71 -30.29
N TYR E 71 17.35 -5.54 -29.71
CA TYR E 71 17.78 -5.29 -28.35
C TYR E 71 16.59 -4.75 -27.55
N GLN E 72 16.73 -4.74 -26.22
CA GLN E 72 15.83 -3.97 -25.39
C GLN E 72 16.66 -3.04 -24.50
N LEU E 73 16.06 -1.90 -24.18
CA LEU E 73 16.60 -0.93 -23.25
C LEU E 73 15.60 -0.73 -22.12
N ARG E 74 16.07 -0.46 -20.91
CA ARG E 74 15.19 -0.04 -19.84
C ARG E 74 15.84 1.05 -19.03
N LEU E 75 15.04 2.03 -18.63
CA LEU E 75 15.49 3.24 -17.98
C LEU E 75 14.59 3.54 -16.79
N ALA E 76 15.20 3.80 -15.65
CA ALA E 76 14.50 4.21 -14.45
C ALA E 76 15.18 5.43 -13.86
N ALA E 77 14.39 6.31 -13.27
CA ALA E 77 14.88 7.46 -12.54
C ALA E 77 14.78 7.20 -11.04
N TYR E 78 15.70 7.78 -10.29
CA TYR E 78 15.62 7.76 -8.85
C TYR E 78 16.00 9.12 -8.31
N ASN E 79 15.60 9.37 -7.07
CA ASN E 79 15.96 10.58 -6.37
C ASN E 79 16.16 10.20 -4.91
N ARG E 80 16.29 11.21 -4.05
CA ARG E 80 16.55 10.93 -2.64
C ARG E 80 15.44 10.12 -1.99
N TYR E 81 14.22 10.15 -2.55
CA TYR E 81 13.06 9.53 -1.91
C TYR E 81 12.75 8.13 -2.40
N GLY E 82 13.26 7.72 -3.57
CA GLY E 82 12.99 6.39 -4.07
C GLY E 82 13.39 6.24 -5.52
N ARG E 83 13.19 5.03 -6.03
CA ARG E 83 13.50 4.66 -7.41
C ARG E 83 12.20 4.37 -8.14
N GLY E 84 12.01 5.00 -9.29
CA GLY E 84 10.83 4.75 -10.09
C GLY E 84 10.89 3.41 -10.82
N ASP E 85 9.80 3.09 -11.52
CA ASP E 85 9.77 1.87 -12.30
C ASP E 85 10.57 2.03 -13.60
N PHE E 86 10.95 0.90 -14.18
CA PHE E 86 11.67 0.92 -15.44
C PHE E 86 10.72 1.11 -16.60
N ALA E 87 11.04 2.05 -17.49
CA ALA E 87 10.43 2.10 -18.81
C ALA E 87 11.26 1.22 -19.74
N VAL E 88 10.60 0.33 -20.48
CA VAL E 88 11.28 -0.65 -21.33
C VAL E 88 10.89 -0.41 -22.78
N ILE E 89 11.86 -0.50 -23.68
CA ILE E 89 11.60 -0.40 -25.12
C ILE E 89 12.51 -1.38 -25.86
N GLY E 90 11.95 -2.04 -26.87
CA GLY E 90 12.74 -2.84 -27.79
C GLY E 90 12.92 -2.11 -29.11
N PHE E 91 14.01 -2.44 -29.80
CA PHE E 91 14.27 -1.91 -31.13
C PHE E 91 15.12 -2.91 -31.87
N THR E 92 15.05 -2.83 -33.20
CA THR E 92 15.91 -3.61 -34.10
C THR E 92 16.83 -2.64 -34.84
N THR E 93 18.13 -2.87 -34.75
CA THR E 93 19.06 -2.03 -35.50
C THR E 93 18.88 -2.23 -37.01
N ALA E 94 19.34 -1.23 -37.78
CA ALA E 94 19.19 -1.28 -39.23
C ALA E 94 20.10 -2.35 -39.85
N HIS E 95 19.77 -2.72 -41.09
CA HIS E 95 20.66 -3.51 -41.93
C HIS E 95 21.93 -2.72 -42.23
N LYS E 96 23.03 -3.45 -42.41
CA LYS E 96 24.28 -2.83 -42.84
C LYS E 96 24.11 -2.10 -44.17
N GLU E 97 24.94 -1.07 -44.36
CA GLU E 97 24.99 -0.31 -45.60
C GLU E 97 25.50 -1.18 -46.74
N GLY F 1 -30.84 -2.29 -9.72
CA GLY F 1 -30.58 -3.44 -8.88
C GLY F 1 -29.16 -3.96 -8.99
N ALA F 2 -28.99 -5.27 -8.79
CA ALA F 2 -27.66 -5.84 -8.76
C ALA F 2 -27.01 -5.94 -10.13
N SER F 3 -27.74 -5.71 -11.22
CA SER F 3 -27.12 -5.72 -12.54
C SER F 3 -27.66 -4.59 -13.40
N PRO F 4 -26.78 -3.91 -14.16
CA PRO F 4 -25.32 -4.12 -14.14
C PRO F 4 -24.72 -3.74 -12.78
N PRO F 5 -23.47 -4.12 -12.54
CA PRO F 5 -22.89 -3.88 -11.20
C PRO F 5 -22.64 -2.42 -10.88
N LEU F 6 -22.21 -2.15 -9.69
CA LEU F 6 -21.99 -0.80 -9.20
C LEU F 6 -20.72 -0.22 -9.81
N PRO F 7 -20.77 0.97 -10.40
CA PRO F 7 -19.54 1.60 -10.88
C PRO F 7 -18.71 2.11 -9.70
N SER F 8 -17.41 2.25 -9.94
CA SER F 8 -16.49 2.87 -9.00
C SER F 8 -16.28 4.30 -9.48
N ILE F 9 -16.54 5.27 -8.60
CA ILE F 9 -16.50 6.68 -8.98
C ILE F 9 -15.44 7.38 -8.12
N SER F 10 -14.92 8.49 -8.64
CA SER F 10 -13.95 9.30 -7.91
C SER F 10 -14.02 10.73 -8.42
N ILE F 11 -13.58 11.68 -7.59
CA ILE F 11 -13.65 13.08 -7.98
C ILE F 11 -12.28 13.72 -7.93
N SER F 12 -12.12 14.77 -8.73
CA SER F 12 -10.88 15.52 -8.79
C SER F 12 -11.21 16.95 -9.17
N HIS F 13 -10.21 17.83 -9.02
CA HIS F 13 -10.33 19.21 -9.47
C HIS F 13 -11.57 19.87 -8.90
N VAL F 14 -11.71 19.80 -7.57
CA VAL F 14 -12.79 20.49 -6.89
C VAL F 14 -12.48 21.99 -6.91
N THR F 15 -13.40 22.78 -7.48
CA THR F 15 -13.24 24.23 -7.50
C THR F 15 -14.40 24.87 -6.72
N SER F 16 -14.45 26.20 -6.75
CA SER F 16 -15.56 26.92 -6.14
C SER F 16 -16.84 26.83 -6.95
N SER F 17 -16.80 26.25 -8.16
CA SER F 17 -18.00 26.14 -8.96
C SER F 17 -18.07 24.85 -9.78
N SER F 18 -17.15 23.91 -9.58
CA SER F 18 -17.17 22.72 -10.40
C SER F 18 -16.46 21.57 -9.72
N VAL F 19 -16.58 20.40 -10.35
CA VAL F 19 -15.93 19.17 -9.91
C VAL F 19 -15.80 18.30 -11.15
N GLN F 20 -14.75 17.48 -11.17
CA GLN F 20 -14.60 16.47 -12.19
C GLN F 20 -14.91 15.11 -11.59
N LEU F 21 -15.86 14.40 -12.21
CA LEU F 21 -16.20 13.04 -11.83
C LEU F 21 -15.57 12.08 -12.83
N ASN F 22 -14.94 11.03 -12.33
CA ASN F 22 -14.40 9.93 -13.11
C ASN F 22 -15.04 8.64 -12.61
N TRP F 23 -15.27 7.69 -13.53
CA TRP F 23 -15.84 6.43 -13.10
C TRP F 23 -15.24 5.27 -13.89
N GLU F 24 -15.45 4.08 -13.34
CA GLU F 24 -15.00 2.81 -13.91
C GLU F 24 -16.13 1.80 -13.77
N ASN F 25 -16.27 0.94 -14.79
CA ASN F 25 -17.44 0.08 -14.92
C ASN F 25 -17.72 -0.71 -13.65
N SER F 26 -16.79 -1.57 -13.26
CA SER F 26 -16.95 -2.45 -12.12
C SER F 26 -15.85 -3.52 -12.14
N GLN F 36 -24.08 2.24 -20.77
CA GLN F 36 -24.51 3.60 -20.49
C GLN F 36 -24.63 3.84 -18.99
N TYR F 37 -24.65 5.12 -18.59
CA TYR F 37 -24.72 5.51 -17.20
C TYR F 37 -25.78 6.58 -17.02
N LEU F 38 -26.40 6.59 -15.84
CA LEU F 38 -27.34 7.63 -15.41
C LEU F 38 -26.68 8.39 -14.26
N LEU F 39 -26.63 9.71 -14.37
CA LEU F 39 -26.01 10.57 -13.38
C LEU F 39 -27.06 11.52 -12.82
N GLU F 40 -27.05 11.67 -11.50
CA GLU F 40 -27.88 12.62 -10.79
C GLU F 40 -27.06 13.36 -9.74
N PHE F 41 -27.53 14.55 -9.38
CA PHE F 41 -26.87 15.34 -8.34
C PHE F 41 -27.93 16.07 -7.55
N ARG F 42 -27.52 16.52 -6.35
CA ARG F 42 -28.39 17.32 -5.52
C ARG F 42 -27.54 18.18 -4.60
N GLY F 43 -28.08 19.32 -4.24
CA GLY F 43 -27.52 20.09 -3.17
C GLY F 43 -28.10 19.62 -1.85
N ASP F 44 -27.33 19.81 -0.78
CA ASP F 44 -27.80 19.63 0.59
C ASP F 44 -28.50 18.26 0.66
N ASN F 45 -29.73 18.18 1.18
CA ASN F 45 -30.50 16.96 1.22
C ASN F 45 -31.79 17.10 0.41
N LYS F 46 -31.67 17.81 -0.72
CA LYS F 46 -32.80 18.14 -1.57
C LYS F 46 -33.07 17.00 -2.56
N ASP F 47 -34.09 17.18 -3.39
CA ASP F 47 -34.41 16.19 -4.40
C ASP F 47 -33.29 16.09 -5.43
N TRP F 48 -33.18 14.91 -6.04
CA TRP F 48 -32.18 14.65 -7.03
C TRP F 48 -32.58 15.21 -8.39
N ILE F 49 -31.58 15.66 -9.14
CA ILE F 49 -31.74 16.18 -10.49
C ILE F 49 -30.94 15.31 -11.45
N LYS F 50 -31.60 14.81 -12.50
CA LYS F 50 -30.94 13.95 -13.48
C LYS F 50 -30.16 14.77 -14.50
N LEU F 51 -28.91 14.41 -14.70
CA LEU F 51 -27.99 15.16 -15.52
C LEU F 51 -27.78 14.44 -16.85
N HIS F 52 -27.55 15.23 -17.89
CA HIS F 52 -27.14 14.70 -19.18
C HIS F 52 -25.62 14.59 -19.20
N ILE F 53 -25.11 13.39 -19.45
CA ILE F 53 -23.68 13.16 -19.64
C ILE F 53 -23.47 12.60 -21.05
N PRO F 54 -22.42 12.99 -21.76
CA PRO F 54 -22.20 12.42 -23.11
C PRO F 54 -21.89 10.94 -23.05
N ASN F 55 -22.38 10.22 -24.05
CA ASN F 55 -22.17 8.78 -24.10
C ASN F 55 -20.68 8.45 -24.25
N ASN F 56 -20.32 7.26 -23.80
CA ASN F 56 -19.01 6.65 -24.07
C ASN F 56 -17.86 7.47 -23.50
N ARG F 57 -18.10 8.27 -22.48
CA ARG F 57 -17.03 8.93 -21.73
C ARG F 57 -16.99 8.39 -20.31
N LYS F 58 -15.80 8.40 -19.73
CA LYS F 58 -15.58 7.91 -18.37
C LYS F 58 -15.27 9.07 -17.41
N SER F 59 -15.42 10.31 -17.87
CA SER F 59 -15.17 11.47 -17.02
C SER F 59 -16.11 12.57 -17.47
N PHE F 60 -16.34 13.51 -16.56
CA PHE F 60 -17.35 14.54 -16.75
C PHE F 60 -17.11 15.65 -15.74
N VAL F 61 -17.03 16.89 -16.22
CA VAL F 61 -16.90 18.07 -15.38
C VAL F 61 -18.28 18.69 -15.19
N LEU F 62 -18.74 18.71 -13.94
CA LEU F 62 -19.98 19.40 -13.58
C LEU F 62 -19.65 20.84 -13.22
N ASN F 63 -20.09 21.78 -14.04
CA ASN F 63 -19.92 23.21 -13.80
C ASN F 63 -21.20 23.80 -13.22
N GLY F 64 -21.14 25.08 -12.87
CA GLY F 64 -22.32 25.82 -12.46
C GLY F 64 -22.77 25.63 -11.02
N LEU F 65 -21.90 25.13 -10.15
CA LEU F 65 -22.23 24.87 -8.75
C LEU F 65 -21.96 26.12 -7.90
N ASP F 66 -22.62 26.17 -6.75
CA ASP F 66 -22.36 27.19 -5.74
C ASP F 66 -21.10 26.85 -4.95
N SER F 67 -20.41 27.90 -4.50
CA SER F 67 -19.22 27.75 -3.68
C SER F 67 -19.56 27.38 -2.24
N SER F 68 -18.60 26.77 -1.55
CA SER F 68 -18.71 26.42 -0.14
C SER F 68 -19.97 25.62 0.16
N ARG F 69 -20.34 24.71 -0.72
CA ARG F 69 -21.61 24.00 -0.56
C ARG F 69 -21.43 22.50 -0.77
N ARG F 70 -22.13 21.72 0.03
CA ARG F 70 -22.08 20.27 -0.08
C ARG F 70 -23.07 19.78 -1.13
N TYR F 71 -22.54 19.06 -2.13
CA TYR F 71 -23.32 18.39 -3.15
C TYR F 71 -23.10 16.88 -3.05
N GLN F 72 -24.05 16.14 -3.60
CA GLN F 72 -23.91 14.70 -3.76
C GLN F 72 -24.14 14.36 -5.22
N LEU F 73 -23.36 13.40 -5.72
CA LEU F 73 -23.51 12.84 -7.04
C LEU F 73 -23.81 11.36 -6.88
N ARG F 74 -24.66 10.82 -7.74
CA ARG F 74 -24.94 9.39 -7.71
C ARG F 74 -24.93 8.91 -9.15
N LEU F 75 -24.28 7.76 -9.37
CA LEU F 75 -24.12 7.22 -10.71
C LEU F 75 -24.50 5.74 -10.71
N ALA F 76 -25.27 5.34 -11.72
CA ALA F 76 -25.70 3.96 -11.92
C ALA F 76 -25.45 3.56 -13.37
N ALA F 77 -25.00 2.32 -13.56
CA ALA F 77 -24.96 1.73 -14.88
C ALA F 77 -26.35 1.20 -15.24
N TYR F 78 -26.64 1.20 -16.53
CA TYR F 78 -27.88 0.60 -17.00
C TYR F 78 -27.60 -0.07 -18.33
N ASN F 79 -28.52 -0.93 -18.72
CA ASN F 79 -28.47 -1.60 -20.01
C ASN F 79 -29.91 -1.79 -20.48
N ARG F 80 -30.07 -2.50 -21.59
CA ARG F 80 -31.39 -2.71 -22.17
C ARG F 80 -32.37 -3.35 -21.19
N TYR F 81 -31.88 -4.02 -20.15
CA TYR F 81 -32.76 -4.75 -19.25
C TYR F 81 -33.07 -4.02 -17.96
N GLY F 82 -32.35 -2.94 -17.68
CA GLY F 82 -32.66 -2.14 -16.51
C GLY F 82 -31.40 -1.48 -15.97
N ARG F 83 -31.52 -1.10 -14.70
CA ARG F 83 -30.61 -0.17 -14.04
C ARG F 83 -29.94 -0.86 -12.87
N GLY F 84 -28.64 -0.66 -12.73
CA GLY F 84 -27.93 -1.09 -11.55
C GLY F 84 -28.23 -0.17 -10.38
N ASP F 85 -27.54 -0.43 -9.27
CA ASP F 85 -27.64 0.41 -8.10
C ASP F 85 -26.75 1.65 -8.26
N PHE F 86 -27.08 2.70 -7.50
CA PHE F 86 -26.35 3.96 -7.56
C PHE F 86 -25.11 3.92 -6.67
N ALA F 87 -23.98 4.38 -7.20
CA ALA F 87 -22.82 4.72 -6.39
C ALA F 87 -22.92 6.21 -6.05
N VAL F 88 -22.72 6.55 -4.79
CA VAL F 88 -22.95 7.91 -4.28
C VAL F 88 -21.65 8.49 -3.78
N ILE F 89 -21.45 9.79 -4.00
CA ILE F 89 -20.27 10.50 -3.50
C ILE F 89 -20.71 11.89 -3.08
N GLY F 90 -20.15 12.36 -1.97
CA GLY F 90 -20.43 13.71 -1.49
C GLY F 90 -19.16 14.53 -1.45
N PHE F 91 -19.31 15.83 -1.66
CA PHE F 91 -18.16 16.72 -1.58
C PHE F 91 -18.66 18.14 -1.36
N THR F 92 -17.76 18.98 -0.86
CA THR F 92 -18.02 20.41 -0.67
C THR F 92 -17.16 21.20 -1.65
N THR F 93 -17.79 22.10 -2.39
CA THR F 93 -17.06 22.98 -3.28
C THR F 93 -16.16 23.91 -2.47
N ALA F 94 -15.11 24.39 -3.13
CA ALA F 94 -14.15 25.29 -2.50
C ALA F 94 -14.77 26.64 -2.23
N HIS F 95 -14.14 27.39 -1.32
CA HIS F 95 -14.60 28.74 -1.00
C HIS F 95 -14.34 29.70 -2.15
N LYS F 96 -15.11 30.79 -2.15
CA LYS F 96 -14.88 31.99 -2.92
C LYS F 96 -15.38 31.83 -4.35
P PO4 G . 33.58 6.89 22.57
O1 PO4 G . 35.02 6.67 22.99
O2 PO4 G . 33.29 8.39 22.62
O3 PO4 G . 32.64 6.17 23.52
O4 PO4 G . 33.37 6.33 21.18
C1 IPA H . 0.86 8.31 2.14
C2 IPA H . 1.90 8.01 1.07
C3 IPA H . 2.97 9.10 1.01
O2 IPA H . 1.26 7.87 -0.18
H11 IPA H . 0.18 7.45 2.23
H12 IPA H . 0.29 9.19 1.85
H13 IPA H . 1.34 8.48 3.10
H2 IPA H . 2.41 7.09 1.33
H31 IPA H . 3.93 8.66 0.77
H32 IPA H . 3.03 9.61 1.96
H33 IPA H . 2.70 9.82 0.23
HO2 IPA H . 1.93 7.99 -0.90
P PO4 I . 4.84 14.37 -3.36
O1 PO4 I . 4.83 13.64 -2.02
O2 PO4 I . 4.98 13.40 -4.48
O3 PO4 I . 6.02 15.32 -3.28
O4 PO4 I . 3.55 15.15 -3.53
P PO4 J . -13.09 26.15 6.53
O1 PO4 J . -12.63 24.86 7.15
O2 PO4 J . -14.53 25.95 6.12
O3 PO4 J . -12.22 26.52 5.34
O4 PO4 J . -12.95 27.27 7.53
C1 IPA K . 0.90 4.12 1.19
C2 IPA K . 1.24 4.68 -0.18
C3 IPA K . 1.26 3.62 -1.29
O2 IPA K . 2.51 5.34 -0.13
H11 IPA K . 1.66 4.39 1.91
H12 IPA K . 0.84 3.02 1.12
H13 IPA K . -0.07 4.49 1.51
H2 IPA K . 0.47 5.41 -0.43
H31 IPA K . 1.85 3.98 -2.12
H32 IPA K . 0.24 3.42 -1.61
H33 IPA K . 1.70 2.70 -0.89
HO2 IPA K . 3.05 5.04 -0.89
P PO4 L . -2.48 -32.62 -9.37
O1 PO4 L . -1.87 -32.13 -8.08
O2 PO4 L . -1.39 -32.66 -10.43
O3 PO4 L . -3.03 -34.01 -9.14
O4 PO4 L . -3.59 -31.71 -9.81
P PO4 M . 16.32 -1.53 -42.36
O1 PO4 M . 16.82 -2.81 -41.76
O2 PO4 M . 17.39 -0.76 -43.11
O3 PO4 M . 15.82 -0.62 -41.26
O4 PO4 M . 15.22 -1.89 -43.32
P PO4 N . 27.84 -6.89 -36.97
O1 PO4 N . 27.50 -8.01 -36.00
O2 PO4 N . 28.40 -7.46 -38.25
O3 PO4 N . 28.86 -5.93 -36.38
O4 PO4 N . 26.54 -6.17 -37.27
CL CL O . 24.05 -15.66 -28.24
C1 PEG P . -27.39 11.49 -21.31
O1 PEG P . -26.84 11.25 -20.04
C2 PEG P . -28.86 11.80 -21.09
O2 PEG P . -29.33 12.76 -22.00
C3 PEG P . -30.69 13.00 -21.75
C4 PEG P . -31.28 14.12 -22.61
O4 PEG P . -32.66 14.15 -22.38
H11 PEG P . -27.29 10.70 -21.86
H12 PEG P . -26.95 12.24 -21.73
HO1 PEG P . -26.05 10.94 -20.13
H21 PEG P . -28.99 12.14 -20.20
H22 PEG P . -29.38 10.99 -21.21
H31 PEG P . -30.80 13.24 -20.82
H32 PEG P . -31.19 12.19 -21.93
H41 PEG P . -31.11 13.94 -23.55
H42 PEG P . -30.88 14.96 -22.36
HO4 PEG P . -33.03 13.46 -22.70
P PO4 Q . -32.22 1.11 -8.28
O1 PO4 Q . -31.45 0.84 -7.01
O2 PO4 Q . -32.68 -0.21 -8.88
O3 PO4 Q . -31.30 1.82 -9.27
O4 PO4 Q . -33.43 1.96 -7.96
P PO4 R . -5.65 20.63 -9.22
O1 PO4 R . -4.75 19.46 -9.53
O2 PO4 R . -4.83 21.80 -8.73
O3 PO4 R . -6.68 20.23 -8.18
O4 PO4 R . -6.35 21.07 -10.46
#